data_5I81
#
_entry.id   5I81
#
_cell.length_a   132.629
_cell.length_b   132.629
_cell.length_c   189.565
_cell.angle_alpha   90.00
_cell.angle_beta   90.00
_cell.angle_gamma   120.00
#
_symmetry.space_group_name_H-M   'P 64 2 2'
#
loop_
_entity.id
_entity.type
_entity.pdbx_description
1 polymer 'Sphingomyelin phosphodiesterase'
2 branched 2-acetamido-2-deoxy-beta-D-glucopyranose-(1-4)-2-acetamido-2-deoxy-beta-D-glucopyranose
3 branched beta-D-mannopyranose-(1-4)-2-acetamido-2-deoxy-beta-D-glucopyranose-(1-4)-2-acetamido-2-deoxy-beta-D-glucopyranose
4 branched beta-D-mannopyranose-(1-3)-alpha-D-mannopyranose
5 non-polymer 2-acetamido-2-deoxy-beta-D-glucopyranose
6 non-polymer beta-D-mannopyranose
7 non-polymer 'ZINC ION'
8 non-polymer 'SULFATE ION'
9 water water
#
_entity_poly.entity_id   1
_entity_poly.type   'polypeptide(L)'
_entity_poly.pdbx_seq_one_letter_code
;LSDSRVLWAPAEAHPLSPQGHPARLHRIVPRLRDVFGWGNLTCPICKGLFTAINLGLKKEPNVARVGSVAIKLCNLLKIA
PPAVCQSIVHLFEDDMVEVWRRSVLSPSEACGLLLGSTCGHWDIFSSWNISLPTVPKPPPKPPSPPAPGAPVSRILFLTD
LHWDHDYLEGTDPDCADPLCCRRGSGLPPASRPGAGYWGEYSKCDLPLRTLESLLSGLGPAGPFDMVYWTGDIPAHDVWH
QTRQDQLRALTTVTALVRKFLGPVPVYPAVGNHESTPVNSFPPPFIEGNHSSRWLYEAMAKAWEPWLPAEALRTLRIGGF
YALSPYPGLRLISLNMNFCSRENFWLLINSTDPAGQLQWLVGELQAAEDRGDKVHIIGHIPPGHCLKSWSWNYYRIVARY
ENTLAAQFFGHTHVDEFEVFYDEETLSRPLAVAFLAPSATTYIGLNPGYRVYQIDGNYSGSSHVVLDHETYILNLTQANI
PGAIPHWQLLYRARETYGLPNTLPTAWHNLVYRMRGDMQLFQTFWFLYHKGHPPSEPCGTPCRLATLCAQLSARADSPAL
CRHLMPDGSLPEAQSLWPRPLFC
;
_entity_poly.pdbx_strand_id   A
#
loop_
_chem_comp.id
_chem_comp.type
_chem_comp.name
_chem_comp.formula
BMA D-saccharide, beta linking beta-D-mannopyranose 'C6 H12 O6'
MAN D-saccharide, alpha linking alpha-D-mannopyranose 'C6 H12 O6'
NAG D-saccharide, beta linking 2-acetamido-2-deoxy-beta-D-glucopyranose 'C8 H15 N O6'
SO4 non-polymer 'SULFATE ION' 'O4 S -2'
ZN non-polymer 'ZINC ION' 'Zn 2'
#
# COMPACT_ATOMS: atom_id res chain seq x y z
N TRP A 38 -14.65 -15.08 48.95
CA TRP A 38 -14.05 -13.74 48.92
C TRP A 38 -13.62 -13.30 47.51
N GLY A 39 -14.26 -12.22 47.03
CA GLY A 39 -14.01 -11.64 45.73
C GLY A 39 -12.95 -10.56 45.67
N ASN A 40 -12.42 -10.14 46.83
CA ASN A 40 -11.32 -9.19 46.83
C ASN A 40 -10.02 -9.80 46.28
N LEU A 41 -10.00 -11.11 46.03
CA LEU A 41 -8.81 -11.77 45.52
C LEU A 41 -8.84 -12.02 44.02
N THR A 42 -9.93 -11.67 43.34
CA THR A 42 -10.06 -12.03 41.93
C THR A 42 -9.01 -11.33 41.08
N CYS A 43 -8.81 -10.03 41.30
CA CYS A 43 -7.76 -9.31 40.58
C CYS A 43 -6.38 -9.88 40.86
N PRO A 44 -5.96 -10.11 42.11
CA PRO A 44 -4.64 -10.73 42.30
C PRO A 44 -4.47 -12.05 41.56
N ILE A 45 -5.47 -12.94 41.57
CA ILE A 45 -5.28 -14.23 40.91
C ILE A 45 -5.28 -14.06 39.38
N CYS A 46 -6.07 -13.12 38.87
CA CYS A 46 -6.05 -12.85 37.44
C CYS A 46 -4.65 -12.39 37.00
N LYS A 47 -4.07 -11.45 37.74
CA LYS A 47 -2.73 -10.99 37.42
C LYS A 47 -1.72 -12.12 37.56
N GLY A 48 -1.90 -12.96 38.59
CA GLY A 48 -1.01 -14.09 38.73
C GLY A 48 -1.11 -15.04 37.55
N LEU A 49 -2.32 -15.25 37.03
CA LEU A 49 -2.49 -16.18 35.92
C LEU A 49 -1.76 -15.67 34.68
N PHE A 50 -2.02 -14.43 34.29
CA PHE A 50 -1.38 -13.93 33.08
C PHE A 50 0.12 -13.67 33.27
N THR A 51 0.56 -13.38 34.49
CA THR A 51 1.99 -13.30 34.73
C THR A 51 2.65 -14.66 34.49
N ALA A 52 2.03 -15.74 34.95
CA ALA A 52 2.61 -17.06 34.69
C ALA A 52 2.46 -17.46 33.23
N ILE A 53 1.35 -17.03 32.59
CA ILE A 53 1.16 -17.22 31.15
C ILE A 53 2.31 -16.58 30.38
N ASN A 54 2.66 -15.33 30.74
CA ASN A 54 3.72 -14.58 30.08
C ASN A 54 5.04 -15.35 30.10
N LEU A 55 5.47 -15.83 31.27
CA LEU A 55 6.79 -16.42 31.32
C LEU A 55 6.79 -17.82 30.69
N GLY A 56 5.68 -18.55 30.75
CA GLY A 56 5.57 -19.76 29.94
C GLY A 56 5.76 -19.49 28.45
N LEU A 57 5.15 -18.44 27.93
CA LEU A 57 5.23 -18.22 26.49
C LEU A 57 6.57 -17.64 26.03
N LYS A 58 7.43 -17.21 26.96
CA LYS A 58 8.79 -16.82 26.56
C LYS A 58 9.65 -18.03 26.21
N LYS A 59 9.23 -19.24 26.54
CA LYS A 59 10.06 -20.44 26.37
C LYS A 59 9.72 -21.10 25.04
N GLU A 60 10.73 -21.29 24.18
CA GLU A 60 10.47 -21.73 22.80
C GLU A 60 9.79 -23.11 22.70
N PRO A 61 10.02 -24.09 23.58
CA PRO A 61 9.18 -25.31 23.53
C PRO A 61 7.68 -25.02 23.65
N ASN A 62 7.31 -24.02 24.46
CA ASN A 62 5.91 -23.63 24.50
C ASN A 62 5.51 -22.93 23.23
N VAL A 63 6.38 -22.07 22.68
CA VAL A 63 6.04 -21.44 21.40
C VAL A 63 5.79 -22.51 20.34
N ALA A 64 6.67 -23.52 20.29
CA ALA A 64 6.50 -24.60 19.32
C ALA A 64 5.19 -25.34 19.52
N ARG A 65 4.80 -25.57 20.78
CA ARG A 65 3.52 -26.23 21.06
C ARG A 65 2.35 -25.41 20.54
N VAL A 66 2.40 -24.08 20.73
CA VAL A 66 1.40 -23.19 20.14
C VAL A 66 1.36 -23.39 18.63
N GLY A 67 2.54 -23.48 18.00
CA GLY A 67 2.58 -23.64 16.56
C GLY A 67 1.96 -24.95 16.09
N SER A 68 2.29 -26.06 16.76
CA SER A 68 1.79 -27.39 16.37
C SER A 68 0.26 -27.44 16.38
N VAL A 69 -0.36 -26.96 17.46
CA VAL A 69 -1.82 -26.91 17.49
C VAL A 69 -2.35 -26.04 16.35
N ALA A 70 -1.71 -24.90 16.11
CA ALA A 70 -2.20 -24.01 15.05
C ALA A 70 -2.07 -24.66 13.69
N ILE A 71 -0.96 -25.36 13.44
CA ILE A 71 -0.78 -26.11 12.20
C ILE A 71 -1.87 -27.16 12.05
N LYS A 72 -2.20 -27.84 13.16
CA LYS A 72 -3.20 -28.90 13.08
C LYS A 72 -4.56 -28.32 12.71
N LEU A 73 -4.91 -27.17 13.30
CA LEU A 73 -6.16 -26.50 12.94
C LEU A 73 -6.11 -25.95 11.52
N CYS A 74 -4.96 -25.40 11.10
CA CYS A 74 -4.81 -24.91 9.73
C CYS A 74 -5.13 -26.01 8.72
N ASN A 75 -4.71 -27.24 8.99
CA ASN A 75 -4.97 -28.37 8.09
C ASN A 75 -6.42 -28.83 8.15
N LEU A 76 -7.01 -28.82 9.34
CA LEU A 76 -8.40 -29.24 9.48
C LEU A 76 -9.37 -28.34 8.71
N LEU A 77 -9.14 -27.03 8.73
CA LEU A 77 -10.02 -26.07 8.08
C LEU A 77 -9.63 -25.82 6.63
N LYS A 78 -8.69 -26.60 6.11
CA LYS A 78 -8.30 -26.57 4.69
C LYS A 78 -7.98 -25.15 4.21
N ILE A 79 -7.23 -24.39 5.04
CA ILE A 79 -6.81 -23.06 4.61
C ILE A 79 -5.82 -23.14 3.45
N ALA A 80 -4.98 -24.17 3.44
CA ALA A 80 -3.89 -24.29 2.48
C ALA A 80 -3.39 -25.72 2.49
N PRO A 81 -2.58 -26.10 1.50
CA PRO A 81 -1.93 -27.41 1.56
C PRO A 81 -1.11 -27.53 2.85
N PRO A 82 -1.00 -28.76 3.37
CA PRO A 82 -0.33 -28.93 4.68
C PRO A 82 1.11 -28.42 4.71
N ALA A 83 1.86 -28.50 3.59
CA ALA A 83 3.18 -27.90 3.55
C ALA A 83 3.13 -26.39 3.78
N VAL A 84 2.15 -25.70 3.21
CA VAL A 84 2.05 -24.25 3.43
C VAL A 84 1.61 -23.95 4.87
N CYS A 85 0.59 -24.66 5.36
CA CYS A 85 0.18 -24.51 6.75
C CYS A 85 1.38 -24.60 7.68
N GLN A 86 2.19 -25.64 7.53
CA GLN A 86 3.34 -25.83 8.40
C GLN A 86 4.35 -24.70 8.23
N SER A 87 4.71 -24.37 6.98
CA SER A 87 5.70 -23.33 6.73
C SER A 87 5.25 -21.99 7.31
N ILE A 88 4.02 -21.58 7.03
CA ILE A 88 3.66 -20.21 7.42
C ILE A 88 3.58 -20.07 8.94
N VAL A 89 3.13 -21.11 9.65
CA VAL A 89 3.04 -21.02 11.10
C VAL A 89 4.43 -20.95 11.73
N HIS A 90 5.36 -21.77 11.24
CA HIS A 90 6.73 -21.71 11.78
C HIS A 90 7.36 -20.33 11.54
N LEU A 91 7.09 -19.73 10.38
CA LEU A 91 7.60 -18.40 10.08
C LEU A 91 6.99 -17.35 11.02
N PHE A 92 5.68 -17.42 11.24
CA PHE A 92 4.99 -16.38 12.01
C PHE A 92 5.11 -16.56 13.52
N GLU A 93 5.31 -17.81 14.02
CA GLU A 93 4.90 -18.10 15.39
C GLU A 93 5.71 -17.30 16.41
N ASP A 94 6.98 -17.05 16.11
CA ASP A 94 7.85 -16.35 17.04
C ASP A 94 7.36 -14.94 17.29
N ASP A 95 7.31 -14.09 16.25
CA ASP A 95 6.85 -12.72 16.47
C ASP A 95 5.41 -12.66 16.93
N MET A 96 4.56 -13.57 16.46
CA MET A 96 3.16 -13.49 16.81
C MET A 96 2.94 -13.81 18.30
N VAL A 97 3.53 -14.91 18.78
CA VAL A 97 3.41 -15.20 20.20
C VAL A 97 4.02 -14.06 21.03
N GLU A 98 5.16 -13.51 20.60
CA GLU A 98 5.72 -12.37 21.33
C GLU A 98 4.73 -11.21 21.42
N VAL A 99 4.09 -10.86 20.31
CA VAL A 99 3.16 -9.73 20.33
C VAL A 99 1.98 -10.02 21.25
N TRP A 100 1.40 -11.22 21.13
CA TRP A 100 0.21 -11.52 21.95
C TRP A 100 0.55 -11.45 23.42
N ARG A 101 1.69 -12.06 23.78
CA ARG A 101 2.25 -12.00 25.13
C ARG A 101 2.31 -10.57 25.66
N ARG A 102 2.71 -9.62 24.81
CA ARG A 102 2.93 -8.23 25.18
C ARG A 102 1.72 -7.35 25.03
N SER A 103 0.59 -7.89 24.58
CA SER A 103 -0.59 -7.07 24.34
C SER A 103 -1.82 -7.75 24.93
N VAL A 104 -2.44 -8.66 24.16
CA VAL A 104 -3.69 -9.30 24.57
C VAL A 104 -3.54 -10.08 25.87
N LEU A 105 -2.43 -10.82 26.03
CA LEU A 105 -2.20 -11.64 27.21
C LEU A 105 -1.42 -10.92 28.31
N SER A 106 -1.05 -9.67 28.07
CA SER A 106 -0.44 -8.85 29.10
C SER A 106 -1.37 -8.71 30.31
N PRO A 107 -0.85 -8.90 31.54
CA PRO A 107 -1.75 -8.87 32.72
C PRO A 107 -2.63 -7.65 32.84
N SER A 108 -2.09 -6.45 32.67
CA SER A 108 -2.90 -5.26 32.86
C SER A 108 -3.99 -5.15 31.79
N GLU A 109 -3.74 -5.74 30.60
CA GLU A 109 -4.71 -5.70 29.50
C GLU A 109 -5.78 -6.78 29.68
N ALA A 110 -5.37 -8.04 29.77
CA ALA A 110 -6.34 -9.13 29.90
C ALA A 110 -7.24 -8.92 31.12
N CYS A 111 -6.64 -8.59 32.27
CA CYS A 111 -7.43 -8.45 33.47
C CYS A 111 -8.24 -7.16 33.46
N GLY A 112 -7.81 -6.16 32.69
CA GLY A 112 -8.68 -5.02 32.45
C GLY A 112 -9.94 -5.42 31.70
N LEU A 113 -9.78 -6.15 30.60
CA LEU A 113 -10.92 -6.65 29.84
C LEU A 113 -11.83 -7.48 30.71
N LEU A 114 -11.27 -8.48 31.41
CA LEU A 114 -12.09 -9.46 32.11
C LEU A 114 -12.75 -8.88 33.36
N LEU A 115 -12.04 -7.99 34.08
CA LEU A 115 -12.51 -7.54 35.39
C LEU A 115 -12.71 -6.04 35.51
N GLY A 116 -12.47 -5.28 34.44
CA GLY A 116 -12.81 -3.88 34.44
C GLY A 116 -11.66 -2.99 34.89
N SER A 117 -11.87 -1.68 34.71
CA SER A 117 -10.86 -0.66 34.95
C SER A 117 -10.30 -0.69 36.38
N THR A 118 -10.93 -1.42 37.30
CA THR A 118 -10.42 -1.47 38.66
C THR A 118 -9.19 -2.36 38.76
N CYS A 119 -9.06 -3.35 37.88
CA CYS A 119 -7.94 -4.28 37.95
C CYS A 119 -6.83 -3.88 36.99
N GLY A 120 -7.14 -3.76 35.71
CA GLY A 120 -6.20 -3.29 34.73
C GLY A 120 -6.83 -2.25 33.83
N HIS A 121 -6.38 -2.23 32.58
CA HIS A 121 -6.83 -1.24 31.62
C HIS A 121 -6.64 -1.82 30.24
N TRP A 122 -7.73 -2.24 29.60
CA TRP A 122 -7.72 -2.70 28.22
C TRP A 122 -7.77 -1.48 27.29
N ASP A 123 -6.75 -1.35 26.43
CA ASP A 123 -6.69 -0.21 25.52
C ASP A 123 -6.18 -0.65 24.14
N ILE A 124 -6.38 -1.92 23.80
CA ILE A 124 -5.94 -2.40 22.49
C ILE A 124 -6.73 -1.66 21.42
N PHE A 125 -6.02 -1.02 20.49
CA PHE A 125 -6.63 -0.24 19.41
C PHE A 125 -7.54 0.85 19.95
N SER A 126 -7.22 1.41 21.12
CA SER A 126 -7.99 2.55 21.61
C SER A 126 -7.77 3.78 20.71
N SER A 127 -8.69 4.72 20.79
CA SER A 127 -8.67 5.87 19.90
C SER A 127 -7.61 6.85 20.36
N TRP A 128 -7.11 7.65 19.42
CA TRP A 128 -6.04 8.59 19.70
C TRP A 128 -6.10 9.67 18.64
N ASN A 129 -5.51 10.83 18.97
CA ASN A 129 -5.56 12.02 18.14
C ASN A 129 -4.21 12.70 18.18
N ILE A 130 -3.73 13.14 17.02
CA ILE A 130 -2.53 13.98 17.03
C ILE A 130 -3.01 15.43 17.12
N SER A 131 -2.08 16.38 17.22
CA SER A 131 -2.44 17.76 17.50
C SER A 131 -2.07 18.63 16.30
N LEU A 132 -3.04 19.39 15.80
CA LEU A 132 -2.74 20.39 14.78
C LEU A 132 -2.21 21.67 15.44
N PRO A 133 -1.36 22.41 14.74
CA PRO A 133 -0.82 23.67 15.29
C PRO A 133 -1.89 24.75 15.31
N THR A 134 -1.68 25.74 16.19
CA THR A 134 -2.68 26.79 16.36
C THR A 134 -2.65 27.85 15.25
N VAL A 135 -1.83 27.68 14.22
CA VAL A 135 -1.93 28.53 13.03
C VAL A 135 -3.33 28.41 12.42
N PRO A 136 -4.00 29.53 12.14
CA PRO A 136 -5.33 29.48 11.51
C PRO A 136 -5.28 28.94 10.08
N LYS A 137 -6.26 28.09 9.77
CA LYS A 137 -6.39 27.52 8.43
C LYS A 137 -6.65 28.62 7.40
N PRO A 138 -5.87 28.70 6.32
CA PRO A 138 -6.17 29.68 5.26
C PRO A 138 -7.51 29.41 4.61
N PRO A 139 -8.13 30.43 4.02
CA PRO A 139 -9.39 30.20 3.24
C PRO A 139 -9.17 29.15 2.17
N PRO A 140 -10.11 28.22 2.00
CA PRO A 140 -9.97 27.21 0.94
C PRO A 140 -9.84 27.85 -0.44
N LYS A 141 -8.88 27.38 -1.19
CA LYS A 141 -8.55 27.97 -2.49
C LYS A 141 -8.18 26.86 -3.45
N PRO A 142 -8.98 26.58 -4.48
CA PRO A 142 -8.62 25.56 -5.47
C PRO A 142 -7.38 25.96 -6.26
N PRO A 143 -6.71 24.99 -6.87
CA PRO A 143 -5.54 25.30 -7.70
C PRO A 143 -5.92 26.16 -8.91
N SER A 144 -5.03 27.10 -9.27
CA SER A 144 -5.29 27.90 -10.47
C SER A 144 -5.08 27.07 -11.74
N PRO A 145 -5.91 27.29 -12.76
CA PRO A 145 -5.62 26.71 -14.09
C PRO A 145 -4.24 27.15 -14.56
N PRO A 146 -3.42 26.22 -15.06
CA PRO A 146 -2.09 26.62 -15.51
C PRO A 146 -2.19 27.60 -16.66
N ALA A 147 -1.29 28.60 -16.67
CA ALA A 147 -1.15 29.48 -17.80
C ALA A 147 -0.83 28.69 -19.07
N PRO A 148 -1.20 29.22 -20.23
CA PRO A 148 -0.85 28.55 -21.50
C PRO A 148 0.66 28.37 -21.64
N GLY A 149 1.05 27.17 -22.09
CA GLY A 149 2.46 26.87 -22.22
C GLY A 149 3.25 26.79 -20.92
N ALA A 150 2.60 26.69 -19.76
CA ALA A 150 3.35 26.48 -18.52
C ALA A 150 4.09 25.13 -18.55
N PRO A 151 5.23 25.05 -17.89
CA PRO A 151 5.96 23.76 -17.77
C PRO A 151 5.09 22.64 -17.21
N VAL A 152 5.24 21.44 -17.79
CA VAL A 152 4.61 20.21 -17.29
C VAL A 152 5.70 19.26 -16.85
N SER A 153 5.57 18.73 -15.65
CA SER A 153 6.48 17.73 -15.11
C SER A 153 5.89 16.34 -15.37
N ARG A 154 6.71 15.39 -15.88
CA ARG A 154 6.23 14.03 -16.16
C ARG A 154 6.83 13.07 -15.12
N ILE A 155 5.94 12.37 -14.39
CA ILE A 155 6.30 11.45 -13.32
C ILE A 155 5.89 10.04 -13.71
N LEU A 156 6.87 9.13 -13.74
CA LEU A 156 6.56 7.71 -13.88
C LEU A 156 6.18 7.15 -12.52
N PHE A 157 5.12 6.34 -12.49
CA PHE A 157 4.62 5.75 -11.26
C PHE A 157 4.65 4.23 -11.38
N LEU A 158 5.46 3.56 -10.54
CA LEU A 158 5.55 2.11 -10.50
C LEU A 158 5.09 1.64 -9.14
N THR A 159 4.31 0.55 -9.12
CA THR A 159 3.90 0.06 -7.81
C THR A 159 3.55 -1.42 -7.87
N ASP A 160 3.77 -2.11 -6.76
CA ASP A 160 3.40 -3.53 -6.64
C ASP A 160 3.99 -4.35 -7.79
N LEU A 161 5.33 -4.31 -7.85
CA LEU A 161 6.03 -5.06 -8.88
C LEU A 161 6.00 -6.57 -8.58
N HIS A 162 6.10 -6.95 -7.29
CA HIS A 162 5.97 -8.35 -6.86
C HIS A 162 6.75 -9.35 -7.72
N TRP A 163 8.07 -9.15 -7.79
CA TRP A 163 8.92 -10.10 -8.52
C TRP A 163 8.88 -11.46 -7.83
N ASP A 164 8.63 -12.51 -8.60
CA ASP A 164 8.70 -13.87 -8.06
C ASP A 164 9.94 -14.58 -8.64
N HIS A 165 11.02 -14.60 -7.85
CA HIS A 165 12.25 -15.29 -8.24
C HIS A 165 11.99 -16.70 -8.76
N ASP A 166 10.97 -17.37 -8.23
CA ASP A 166 10.74 -18.78 -8.53
C ASP A 166 9.71 -18.99 -9.62
N TYR A 167 9.25 -17.92 -10.27
CA TYR A 167 8.33 -18.04 -11.40
C TYR A 167 8.87 -19.01 -12.43
N LEU A 168 7.98 -19.87 -12.93
CA LEU A 168 8.36 -20.94 -13.84
C LEU A 168 7.31 -21.09 -14.94
N GLU A 169 7.69 -20.79 -16.17
CA GLU A 169 6.79 -20.98 -17.30
C GLU A 169 6.36 -22.44 -17.39
N GLY A 170 5.11 -22.67 -17.81
CA GLY A 170 4.59 -24.00 -18.03
C GLY A 170 3.99 -24.68 -16.81
N THR A 171 4.17 -24.15 -15.62
CA THR A 171 3.59 -24.77 -14.42
C THR A 171 2.11 -24.42 -14.27
N ASP A 172 1.45 -25.10 -13.31
CA ASP A 172 0.01 -24.94 -13.07
C ASP A 172 -0.32 -23.52 -12.60
N PRO A 173 -1.17 -22.78 -13.33
CA PRO A 173 -1.65 -21.48 -12.81
C PRO A 173 -2.72 -21.60 -11.75
N ASP A 174 -3.36 -22.75 -11.66
CA ASP A 174 -4.40 -22.94 -10.67
C ASP A 174 -4.00 -24.02 -9.65
N CYS A 175 -2.81 -23.90 -9.05
CA CYS A 175 -2.41 -24.93 -8.10
C CYS A 175 -3.15 -24.69 -6.76
N ALA A 176 -2.87 -25.53 -5.78
CA ALA A 176 -3.58 -25.51 -4.51
C ALA A 176 -2.98 -24.53 -3.51
N ASP A 177 -1.87 -23.90 -3.84
CA ASP A 177 -1.19 -22.96 -2.98
C ASP A 177 -1.72 -21.56 -3.17
N PRO A 178 -1.36 -20.64 -2.27
CA PRO A 178 -1.79 -19.23 -2.44
C PRO A 178 -1.06 -18.51 -3.56
N LEU A 179 0.02 -19.05 -4.10
CA LEU A 179 0.69 -18.44 -5.23
C LEU A 179 1.14 -19.55 -6.14
N CYS A 180 0.92 -19.39 -7.44
CA CYS A 180 1.16 -20.48 -8.40
C CYS A 180 2.13 -20.08 -9.53
N CYS A 181 2.08 -20.80 -10.66
CA CYS A 181 2.97 -20.49 -11.80
C CYS A 181 4.43 -20.50 -11.41
N ARG A 182 4.81 -21.34 -10.45
CA ARG A 182 6.15 -21.21 -9.88
C ARG A 182 6.72 -22.59 -9.61
N ARG A 183 7.95 -22.61 -9.12
CA ARG A 183 8.57 -23.85 -8.70
C ARG A 183 7.83 -24.40 -7.47
N GLY A 184 7.43 -25.67 -7.54
CA GLY A 184 6.60 -26.29 -6.52
C GLY A 184 5.11 -26.29 -6.82
N SER A 185 4.65 -25.47 -7.77
CA SER A 185 3.23 -25.48 -8.12
C SER A 185 2.83 -26.78 -8.82
N GLY A 186 3.80 -27.57 -9.29
CA GLY A 186 3.49 -28.75 -10.04
C GLY A 186 3.08 -28.39 -11.47
N LEU A 187 2.50 -29.35 -12.15
CA LEU A 187 2.18 -29.12 -13.53
C LEU A 187 0.66 -29.06 -13.73
N PRO A 188 0.18 -28.31 -14.73
CA PRO A 188 -1.26 -28.22 -14.96
C PRO A 188 -1.79 -29.56 -15.41
N PRO A 189 -3.10 -29.77 -15.32
CA PRO A 189 -3.72 -30.86 -16.12
C PRO A 189 -3.43 -30.64 -17.60
N ALA A 190 -3.57 -31.73 -18.39
CA ALA A 190 -3.29 -31.66 -19.82
C ALA A 190 -4.27 -30.75 -20.55
N SER A 191 -5.46 -30.56 -19.99
CA SER A 191 -6.43 -29.73 -20.68
C SER A 191 -6.12 -28.25 -20.59
N ARG A 192 -5.17 -27.85 -19.76
CA ARG A 192 -5.03 -26.43 -19.57
C ARG A 192 -3.56 -26.05 -19.70
N PRO A 193 -3.29 -24.92 -20.33
CA PRO A 193 -1.89 -24.52 -20.54
C PRO A 193 -1.21 -24.15 -19.23
N GLY A 194 0.10 -24.41 -19.19
CA GLY A 194 0.92 -23.93 -18.12
C GLY A 194 1.02 -22.43 -18.11
N ALA A 195 1.69 -21.92 -17.07
CA ALA A 195 1.91 -20.50 -16.94
C ALA A 195 2.61 -19.91 -18.16
N GLY A 196 2.05 -18.83 -18.70
CA GLY A 196 2.64 -18.21 -19.86
C GLY A 196 4.02 -17.64 -19.57
N TYR A 197 4.73 -17.34 -20.66
CA TYR A 197 6.15 -17.04 -20.51
C TYR A 197 6.37 -15.70 -19.80
N TRP A 198 5.53 -14.71 -20.08
CA TRP A 198 5.66 -13.39 -19.47
C TRP A 198 4.79 -13.22 -18.23
N GLY A 199 3.93 -14.17 -17.89
CA GLY A 199 3.01 -14.05 -16.77
C GLY A 199 1.73 -14.78 -17.09
N GLU A 200 0.80 -14.76 -16.13
CA GLU A 200 -0.46 -15.49 -16.29
C GLU A 200 -1.57 -14.75 -15.57
N TYR A 201 -2.79 -14.91 -16.10
CA TYR A 201 -4.02 -14.33 -15.53
C TYR A 201 -4.51 -15.20 -14.36
N SER A 202 -3.76 -15.17 -13.27
CA SER A 202 -4.17 -16.05 -12.18
C SER A 202 -3.61 -15.50 -10.87
N LYS A 203 -3.57 -16.34 -9.83
CA LYS A 203 -2.93 -15.96 -8.56
C LYS A 203 -1.43 -16.25 -8.70
N CYS A 204 -0.80 -15.43 -9.54
CA CYS A 204 0.61 -15.55 -9.92
C CYS A 204 1.26 -14.17 -9.93
N ASP A 205 2.56 -14.14 -9.69
CA ASP A 205 3.35 -12.91 -9.72
C ASP A 205 4.27 -12.93 -10.97
N LEU A 206 5.29 -12.06 -11.00
CA LEU A 206 6.01 -11.84 -12.27
C LEU A 206 7.42 -12.43 -12.27
N PRO A 207 7.84 -13.01 -13.41
CA PRO A 207 9.28 -13.27 -13.63
C PRO A 207 10.06 -11.98 -13.82
N LEU A 208 11.34 -12.00 -13.43
CA LEU A 208 12.17 -10.80 -13.54
C LEU A 208 12.16 -10.23 -14.96
N ARG A 209 12.17 -11.11 -15.97
CA ARG A 209 12.24 -10.65 -17.35
C ARG A 209 11.04 -9.76 -17.70
N THR A 210 9.89 -9.99 -17.08
CA THR A 210 8.76 -9.12 -17.39
C THR A 210 8.94 -7.73 -16.78
N LEU A 211 9.62 -7.62 -15.63
CA LEU A 211 9.96 -6.29 -15.12
C LEU A 211 11.02 -5.62 -15.99
N GLU A 212 12.06 -6.37 -16.39
CA GLU A 212 13.02 -5.85 -17.34
C GLU A 212 12.33 -5.34 -18.60
N SER A 213 11.37 -6.12 -19.12
CA SER A 213 10.63 -5.70 -20.31
C SER A 213 9.85 -4.42 -20.05
N LEU A 214 9.21 -4.31 -18.89
CA LEU A 214 8.52 -3.07 -18.54
C LEU A 214 9.47 -1.88 -18.63
N LEU A 215 10.62 -1.99 -17.97
CA LEU A 215 11.54 -0.87 -17.88
C LEU A 215 12.14 -0.54 -19.24
N SER A 216 12.34 -1.58 -20.06
CA SER A 216 12.94 -1.43 -21.37
C SER A 216 12.00 -0.79 -22.38
N GLY A 217 10.69 -0.81 -22.14
CA GLY A 217 9.75 -0.21 -23.05
C GLY A 217 9.32 1.21 -22.72
N LEU A 218 9.99 1.90 -21.77
CA LEU A 218 9.53 3.19 -21.22
C LEU A 218 9.68 4.36 -22.20
N GLY A 219 10.51 4.21 -23.24
CA GLY A 219 10.91 5.31 -24.09
C GLY A 219 9.77 6.17 -24.62
N PRO A 220 8.80 5.53 -25.29
CA PRO A 220 7.64 6.28 -25.79
C PRO A 220 6.89 7.02 -24.70
N ALA A 221 6.82 6.45 -23.49
CA ALA A 221 6.10 7.08 -22.39
C ALA A 221 6.87 8.23 -21.72
N GLY A 222 8.18 8.35 -21.95
CA GLY A 222 8.97 9.36 -21.26
C GLY A 222 9.16 10.60 -22.14
N PRO A 223 10.12 11.49 -21.79
CA PRO A 223 11.07 11.31 -20.69
C PRO A 223 10.44 11.64 -19.34
N PHE A 224 11.06 11.23 -18.24
CA PHE A 224 10.48 11.46 -16.93
C PHE A 224 11.37 12.37 -16.10
N ASP A 225 10.75 13.23 -15.30
CA ASP A 225 11.53 14.08 -14.41
C ASP A 225 11.87 13.33 -13.13
N MET A 226 10.96 12.50 -12.64
CA MET A 226 11.21 11.64 -11.50
C MET A 226 10.33 10.42 -11.61
N VAL A 227 10.60 9.44 -10.76
CA VAL A 227 9.80 8.23 -10.61
C VAL A 227 9.32 8.16 -9.17
N TYR A 228 8.02 7.89 -8.97
CA TYR A 228 7.51 7.50 -7.65
C TYR A 228 7.29 5.99 -7.65
N TRP A 229 7.88 5.30 -6.67
CA TRP A 229 7.94 3.84 -6.64
C TRP A 229 7.41 3.36 -5.30
N THR A 230 6.12 3.03 -5.23
CA THR A 230 5.45 2.93 -3.94
C THR A 230 5.26 1.49 -3.46
N GLY A 231 6.26 0.64 -3.60
CA GLY A 231 6.32 -0.49 -2.68
C GLY A 231 5.78 -1.80 -3.24
N ASP A 232 6.15 -2.87 -2.52
CA ASP A 232 5.83 -4.29 -2.76
C ASP A 232 6.77 -4.87 -3.82
N ILE A 233 7.96 -5.24 -3.42
CA ILE A 233 8.98 -5.82 -4.30
C ILE A 233 8.89 -7.34 -4.25
N PRO A 234 8.89 -8.02 -3.09
CA PRO A 234 8.77 -9.48 -3.08
C PRO A 234 7.38 -9.93 -3.52
N ALA A 235 7.28 -11.21 -3.86
CA ALA A 235 6.03 -11.81 -4.31
C ALA A 235 5.14 -12.25 -3.14
N HIS A 236 4.04 -12.95 -3.44
CA HIS A 236 3.11 -13.39 -2.42
C HIS A 236 3.42 -14.80 -1.89
N ASP A 237 4.67 -15.26 -2.00
CA ASP A 237 5.04 -16.56 -1.42
C ASP A 237 5.32 -16.41 0.08
N VAL A 238 4.31 -15.91 0.81
CA VAL A 238 4.52 -15.46 2.19
C VAL A 238 4.70 -16.59 3.18
N TRP A 239 4.49 -17.83 2.79
CA TRP A 239 4.69 -18.91 3.75
C TRP A 239 6.15 -19.27 3.96
N HIS A 240 7.07 -18.83 3.09
N HIS A 240 7.14 -18.76 3.05
CA HIS A 240 8.52 -19.10 3.25
CA HIS A 240 8.58 -19.03 3.21
C HIS A 240 9.28 -17.90 2.67
C HIS A 240 9.35 -17.83 2.64
N GLN A 241 9.52 -16.90 3.50
CA GLN A 241 10.32 -15.74 3.07
C GLN A 241 11.35 -15.42 4.15
N THR A 242 12.62 -15.65 3.84
CA THR A 242 13.68 -15.29 4.77
C THR A 242 14.05 -13.83 4.57
N ARG A 243 14.79 -13.28 5.53
CA ARG A 243 15.31 -11.93 5.39
C ARG A 243 16.18 -11.81 4.16
N GLN A 244 16.91 -12.88 3.81
CA GLN A 244 17.81 -12.80 2.68
C GLN A 244 17.08 -12.75 1.35
N ASP A 245 15.97 -13.50 1.18
CA ASP A 245 15.25 -13.40 -0.09
C ASP A 245 14.52 -12.07 -0.24
N GLN A 246 14.05 -11.49 0.88
CA GLN A 246 13.50 -10.15 0.83
C GLN A 246 14.58 -9.14 0.43
N LEU A 247 15.77 -9.25 1.03
CA LEU A 247 16.81 -8.32 0.66
C LEU A 247 17.23 -8.53 -0.80
N ARG A 248 17.27 -9.79 -1.26
CA ARG A 248 17.63 -9.97 -2.67
C ARG A 248 16.54 -9.42 -3.59
N ALA A 249 15.27 -9.46 -3.19
CA ALA A 249 14.22 -8.77 -3.96
C ALA A 249 14.47 -7.28 -4.00
N LEU A 250 14.62 -6.66 -2.82
CA LEU A 250 14.99 -5.24 -2.73
C LEU A 250 16.17 -4.90 -3.65
N THR A 251 17.31 -5.58 -3.49
CA THR A 251 18.53 -5.15 -4.17
C THR A 251 18.48 -5.47 -5.67
N THR A 252 17.83 -6.55 -6.07
CA THR A 252 17.78 -6.91 -7.49
C THR A 252 16.88 -5.94 -8.27
N VAL A 253 15.70 -5.63 -7.72
CA VAL A 253 14.80 -4.81 -8.49
C VAL A 253 15.25 -3.35 -8.44
N THR A 254 15.79 -2.93 -7.29
CA THR A 254 16.37 -1.59 -7.22
C THR A 254 17.42 -1.40 -8.31
N ALA A 255 18.38 -2.32 -8.42
CA ALA A 255 19.41 -2.18 -9.44
C ALA A 255 18.81 -2.24 -10.84
N LEU A 256 17.74 -3.01 -11.04
CA LEU A 256 17.13 -3.06 -12.36
C LEU A 256 16.52 -1.71 -12.75
N VAL A 257 15.76 -1.07 -11.83
CA VAL A 257 15.19 0.23 -12.20
C VAL A 257 16.28 1.29 -12.34
N ARG A 258 17.37 1.21 -11.57
CA ARG A 258 18.42 2.22 -11.73
C ARG A 258 19.14 2.07 -13.07
N LYS A 259 19.19 0.85 -13.60
CA LYS A 259 19.84 0.62 -14.89
C LYS A 259 19.03 1.23 -16.04
N PHE A 260 17.71 1.20 -15.97
CA PHE A 260 16.92 1.69 -17.09
C PHE A 260 16.53 3.14 -16.95
N LEU A 261 16.53 3.68 -15.73
CA LEU A 261 16.19 5.07 -15.52
C LEU A 261 17.40 5.96 -15.30
N GLY A 262 18.59 5.36 -15.15
CA GLY A 262 19.82 6.11 -15.15
C GLY A 262 19.84 7.23 -14.12
N PRO A 263 20.06 8.46 -14.58
CA PRO A 263 20.16 9.60 -13.67
C PRO A 263 18.83 10.15 -13.16
N VAL A 264 17.68 9.63 -13.60
CA VAL A 264 16.39 10.17 -13.16
C VAL A 264 16.12 9.76 -11.72
N PRO A 265 15.77 10.69 -10.82
CA PRO A 265 15.61 10.34 -9.40
C PRO A 265 14.38 9.45 -9.18
N VAL A 266 14.52 8.48 -8.27
CA VAL A 266 13.44 7.56 -7.93
C VAL A 266 13.15 7.71 -6.44
N TYR A 267 11.88 7.89 -6.08
CA TYR A 267 11.49 8.05 -4.69
C TYR A 267 10.64 6.85 -4.26
N PRO A 268 11.21 5.90 -3.53
CA PRO A 268 10.43 4.74 -3.08
C PRO A 268 9.59 5.05 -1.86
N ALA A 269 8.59 4.19 -1.66
CA ALA A 269 7.83 4.11 -0.44
C ALA A 269 7.76 2.65 -0.06
N VAL A 270 7.53 2.37 1.23
CA VAL A 270 7.70 1.02 1.74
C VAL A 270 6.37 0.26 1.66
N GLY A 271 6.37 -0.91 0.96
CA GLY A 271 5.15 -1.70 0.85
C GLY A 271 5.00 -2.65 2.02
N ASN A 272 3.83 -3.32 2.10
CA ASN A 272 3.61 -4.26 3.18
C ASN A 272 4.31 -5.59 2.96
N HIS A 273 4.84 -5.86 1.76
CA HIS A 273 5.48 -7.14 1.49
C HIS A 273 6.99 -7.10 1.62
N GLU A 274 7.56 -5.93 1.91
CA GLU A 274 9.03 -5.82 1.97
C GLU A 274 9.58 -6.58 3.16
N SER A 275 8.83 -6.63 4.26
CA SER A 275 9.31 -7.28 5.46
C SER A 275 9.07 -8.79 5.36
N THR A 276 9.60 -9.51 6.34
CA THR A 276 9.20 -10.87 6.63
C THR A 276 9.04 -11.01 8.15
N PRO A 277 7.99 -11.70 8.59
CA PRO A 277 6.82 -12.16 7.83
C PRO A 277 6.13 -10.98 7.17
N VAL A 278 5.33 -11.24 6.14
CA VAL A 278 4.59 -10.16 5.47
C VAL A 278 3.80 -9.34 6.50
N ASN A 279 3.70 -8.02 6.27
CA ASN A 279 3.01 -7.06 7.15
C ASN A 279 3.68 -6.84 8.51
N SER A 280 4.83 -7.46 8.79
CA SER A 280 5.49 -7.35 10.10
C SER A 280 6.36 -6.09 10.14
N PHE A 281 5.86 -5.02 10.74
CA PHE A 281 6.60 -3.76 10.80
C PHE A 281 6.55 -3.24 12.23
N PRO A 282 7.39 -3.78 13.10
CA PRO A 282 7.44 -3.29 14.48
C PRO A 282 7.85 -1.84 14.50
N PRO A 283 7.19 -1.01 15.30
CA PRO A 283 7.54 0.43 15.34
C PRO A 283 8.85 0.63 16.08
N PRO A 284 9.45 1.82 16.01
CA PRO A 284 10.81 2.00 16.57
C PRO A 284 10.93 1.69 18.05
N PHE A 285 9.85 1.54 18.82
CA PHE A 285 10.02 1.16 20.22
C PHE A 285 10.38 -0.30 20.41
N ILE A 286 10.27 -1.13 19.38
CA ILE A 286 10.91 -2.44 19.39
C ILE A 286 12.38 -2.25 18.97
N GLU A 287 13.30 -2.51 19.89
CA GLU A 287 14.72 -2.53 19.56
C GLU A 287 15.17 -3.98 19.35
N GLY A 288 16.46 -4.21 19.31
CA GLY A 288 16.91 -5.58 19.20
C GLY A 288 16.71 -6.11 17.78
N ASN A 289 16.90 -7.43 17.67
CA ASN A 289 17.05 -8.06 16.36
C ASN A 289 15.72 -8.32 15.65
N HIS A 290 14.62 -8.50 16.37
CA HIS A 290 13.37 -8.73 15.68
C HIS A 290 12.75 -7.45 15.12
N SER A 291 13.43 -6.31 15.27
CA SER A 291 12.99 -5.03 14.73
C SER A 291 13.22 -4.98 13.21
N SER A 292 12.87 -3.84 12.61
CA SER A 292 12.96 -3.66 11.17
C SER A 292 14.29 -3.04 10.73
N ARG A 293 15.29 -3.02 11.61
CA ARG A 293 16.53 -2.33 11.25
C ARG A 293 17.23 -3.02 10.09
N TRP A 294 17.20 -4.36 10.07
CA TRP A 294 17.77 -5.10 8.94
C TRP A 294 17.19 -4.61 7.62
N LEU A 295 15.90 -4.28 7.62
CA LEU A 295 15.26 -3.89 6.37
C LEU A 295 15.52 -2.43 6.03
N TYR A 296 15.34 -1.52 7.00
CA TYR A 296 15.45 -0.09 6.68
C TYR A 296 16.90 0.27 6.34
N GLU A 297 17.86 -0.30 7.06
CA GLU A 297 19.26 -0.01 6.76
C GLU A 297 19.62 -0.50 5.37
N ALA A 298 19.12 -1.67 4.97
CA ALA A 298 19.40 -2.10 3.60
C ALA A 298 18.76 -1.16 2.60
N MET A 299 17.51 -0.73 2.85
CA MET A 299 16.88 0.26 1.97
C MET A 299 17.71 1.55 1.88
N ALA A 300 18.24 2.02 3.03
CA ALA A 300 19.06 3.23 3.04
C ALA A 300 20.31 3.07 2.17
N LYS A 301 20.89 1.88 2.13
CA LYS A 301 22.05 1.67 1.28
C LYS A 301 21.67 1.46 -0.18
N ALA A 302 20.57 0.75 -0.43
CA ALA A 302 20.12 0.56 -1.80
C ALA A 302 19.63 1.87 -2.44
N TRP A 303 19.06 2.79 -1.65
CA TRP A 303 18.44 3.99 -2.19
C TRP A 303 19.26 5.25 -1.96
N GLU A 304 20.47 5.12 -1.42
CA GLU A 304 21.37 6.26 -1.27
C GLU A 304 21.57 7.08 -2.55
N PRO A 305 21.61 6.50 -3.76
CA PRO A 305 21.80 7.35 -4.96
C PRO A 305 20.65 8.30 -5.23
N TRP A 306 19.50 8.08 -4.60
CA TRP A 306 18.29 8.82 -4.88
C TRP A 306 17.89 9.79 -3.79
N LEU A 307 18.26 9.51 -2.53
CA LEU A 307 17.71 10.30 -1.45
C LEU A 307 18.79 11.07 -0.72
N PRO A 308 18.56 12.33 -0.36
CA PRO A 308 19.58 13.09 0.37
C PRO A 308 19.74 12.55 1.79
N ALA A 309 20.81 13.01 2.44
CA ALA A 309 21.23 12.46 3.73
C ALA A 309 20.11 12.57 4.76
N GLU A 310 19.45 13.74 4.77
CA GLU A 310 18.30 14.12 5.61
C GLU A 310 17.23 13.07 5.57
N ALA A 311 16.93 12.66 4.37
CA ALA A 311 15.92 11.65 4.11
C ALA A 311 16.40 10.27 4.57
N LEU A 312 17.68 9.95 4.36
CA LEU A 312 18.15 8.63 4.74
C LEU A 312 18.10 8.45 6.27
N ARG A 313 18.20 9.54 7.03
CA ARG A 313 18.16 9.40 8.48
C ARG A 313 16.77 8.99 8.94
N THR A 314 15.72 9.65 8.44
CA THR A 314 14.39 9.22 8.84
C THR A 314 14.06 7.85 8.25
N LEU A 315 14.64 7.53 7.09
CA LEU A 315 14.32 6.23 6.49
C LEU A 315 14.82 5.10 7.38
N ARG A 316 16.01 5.24 7.98
CA ARG A 316 16.54 4.23 8.88
C ARG A 316 15.70 4.06 10.14
N ILE A 317 15.05 5.12 10.61
CA ILE A 317 14.26 5.01 11.85
C ILE A 317 12.94 4.30 11.59
N GLY A 318 12.12 4.86 10.70
CA GLY A 318 10.80 4.30 10.47
C GLY A 318 10.38 4.12 9.02
N GLY A 319 11.34 4.16 8.09
CA GLY A 319 11.00 3.91 6.71
C GLY A 319 10.13 4.96 6.04
N PHE A 320 10.20 6.21 6.49
CA PHE A 320 9.56 7.34 5.83
C PHE A 320 10.55 8.49 5.74
N TYR A 321 10.24 9.49 4.91
CA TYR A 321 11.15 10.60 4.66
C TYR A 321 10.42 11.68 3.88
N ALA A 322 11.03 12.86 3.85
CA ALA A 322 10.62 13.95 2.98
C ALA A 322 11.85 14.51 2.28
N LEU A 323 11.64 15.04 1.08
CA LEU A 323 12.68 15.77 0.35
C LEU A 323 11.99 16.80 -0.54
N SER A 324 12.80 17.55 -1.31
CA SER A 324 12.36 18.65 -2.17
C SER A 324 12.71 18.36 -3.61
N PRO A 325 11.81 17.77 -4.40
CA PRO A 325 12.12 17.54 -5.82
C PRO A 325 12.44 18.81 -6.59
N TYR A 326 11.77 19.91 -6.27
CA TYR A 326 11.86 21.18 -6.96
C TYR A 326 11.81 22.27 -5.90
N PRO A 327 12.37 23.45 -6.19
CA PRO A 327 12.01 24.63 -5.41
C PRO A 327 10.49 24.80 -5.39
N GLY A 328 9.93 25.01 -4.19
CA GLY A 328 8.50 25.15 -4.06
C GLY A 328 7.71 23.87 -3.92
N LEU A 329 8.36 22.70 -4.05
CA LEU A 329 7.69 21.41 -3.90
C LEU A 329 8.39 20.54 -2.87
N ARG A 330 7.59 19.97 -1.96
CA ARG A 330 8.09 19.04 -0.98
C ARG A 330 7.41 17.70 -1.23
N LEU A 331 8.17 16.61 -1.24
CA LEU A 331 7.62 15.26 -1.41
C LEU A 331 7.79 14.51 -0.10
N ILE A 332 6.72 13.83 0.34
CA ILE A 332 6.68 13.12 1.61
C ILE A 332 6.33 11.67 1.33
N SER A 333 7.20 10.74 1.71
CA SER A 333 6.98 9.31 1.49
C SER A 333 6.63 8.68 2.83
N LEU A 334 5.38 8.24 2.98
CA LEU A 334 4.87 7.68 4.22
C LEU A 334 5.01 6.17 4.24
N ASN A 335 5.31 5.63 5.42
CA ASN A 335 5.29 4.18 5.66
C ASN A 335 3.91 3.83 6.20
N MET A 336 3.00 3.46 5.30
CA MET A 336 1.62 3.14 5.66
C MET A 336 1.48 1.86 6.48
N ASN A 337 2.53 1.06 6.63
CA ASN A 337 2.40 -0.12 7.49
C ASN A 337 2.12 0.26 8.94
N PHE A 338 2.40 1.50 9.34
CA PHE A 338 2.03 1.97 10.67
C PHE A 338 0.56 2.33 10.78
N CYS A 339 -0.19 2.30 9.67
CA CYS A 339 -1.63 2.47 9.70
C CYS A 339 -2.36 1.15 9.49
N SER A 340 -1.62 0.06 9.27
CA SER A 340 -2.17 -1.11 8.59
C SER A 340 -2.91 -2.03 9.56
N ARG A 341 -4.07 -2.53 9.12
CA ARG A 341 -4.84 -3.49 9.91
C ARG A 341 -4.14 -4.81 10.08
N GLU A 342 -3.18 -5.10 9.20
CA GLU A 342 -2.50 -6.38 9.19
C GLU A 342 -1.20 -6.33 9.95
N ASN A 343 -0.76 -5.15 10.38
CA ASN A 343 0.49 -5.02 11.11
C ASN A 343 0.23 -5.42 12.56
N PHE A 344 0.38 -6.72 12.84
CA PHE A 344 0.00 -7.26 14.13
C PHE A 344 0.79 -6.64 15.28
N TRP A 345 1.97 -6.07 15.01
CA TRP A 345 2.71 -5.42 16.10
C TRP A 345 1.91 -4.25 16.69
N LEU A 346 1.00 -3.67 15.90
CA LEU A 346 0.26 -2.53 16.41
C LEU A 346 -0.69 -2.91 17.54
N LEU A 347 -0.93 -4.21 17.75
CA LEU A 347 -1.65 -4.68 18.94
C LEU A 347 -0.99 -4.18 20.24
N ILE A 348 0.34 -4.07 20.25
CA ILE A 348 1.03 -3.57 21.44
C ILE A 348 0.69 -2.10 21.68
N ASN A 349 0.64 -1.30 20.61
CA ASN A 349 0.37 0.14 20.69
C ASN A 349 0.13 0.68 19.29
N SER A 350 -1.08 1.11 19.01
CA SER A 350 -1.46 1.59 17.69
C SER A 350 -1.41 3.10 17.60
N THR A 351 -1.06 3.79 18.68
CA THR A 351 -1.08 5.24 18.69
C THR A 351 0.06 5.82 17.87
N ASP A 352 -0.28 6.65 16.84
CA ASP A 352 0.66 7.24 15.87
C ASP A 352 2.03 6.58 15.85
N PRO A 353 2.15 5.34 15.38
CA PRO A 353 3.43 4.64 15.53
C PRO A 353 4.55 5.37 14.81
N ALA A 354 5.73 5.39 15.47
CA ALA A 354 6.93 6.13 15.06
C ALA A 354 6.72 7.64 15.05
N GLY A 355 5.62 8.13 15.64
CA GLY A 355 5.32 9.55 15.57
C GLY A 355 5.15 10.08 14.15
N GLN A 356 4.75 9.24 13.20
CA GLN A 356 4.81 9.63 11.79
C GLN A 356 3.79 10.70 11.43
N LEU A 357 2.56 10.60 11.95
CA LEU A 357 1.55 11.59 11.58
C LEU A 357 1.86 12.95 12.20
N GLN A 358 2.39 12.95 13.42
CA GLN A 358 2.81 14.21 14.04
C GLN A 358 3.97 14.81 13.26
N TRP A 359 4.92 13.97 12.83
CA TRP A 359 5.98 14.43 11.94
C TRP A 359 5.41 14.97 10.63
N LEU A 360 4.41 14.29 10.05
CA LEU A 360 3.79 14.77 8.82
C LEU A 360 3.19 16.15 9.00
N VAL A 361 2.52 16.38 10.14
CA VAL A 361 1.93 17.69 10.42
C VAL A 361 3.01 18.77 10.43
N GLY A 362 4.15 18.47 11.09
CA GLY A 362 5.25 19.43 11.12
C GLY A 362 5.74 19.81 9.72
N GLU A 363 5.85 18.82 8.83
CA GLU A 363 6.29 19.11 7.46
C GLU A 363 5.24 19.91 6.68
N LEU A 364 3.96 19.57 6.84
CA LEU A 364 2.92 20.28 6.10
C LEU A 364 2.82 21.72 6.57
N GLN A 365 2.90 21.95 7.87
CA GLN A 365 2.90 23.31 8.39
C GLN A 365 4.09 24.08 7.85
N ALA A 366 5.30 23.52 7.99
CA ALA A 366 6.48 24.21 7.47
C ALA A 366 6.30 24.49 5.99
N ALA A 367 5.69 23.55 5.27
CA ALA A 367 5.45 23.81 3.85
C ALA A 367 4.48 24.96 3.66
N GLU A 368 3.40 24.98 4.46
CA GLU A 368 2.43 26.07 4.40
C GLU A 368 3.08 27.42 4.70
N ASP A 369 4.01 27.45 5.66
CA ASP A 369 4.71 28.69 6.02
C ASP A 369 5.57 29.21 4.87
N ARG A 370 6.21 28.31 4.12
CA ARG A 370 7.05 28.70 2.99
C ARG A 370 6.26 28.94 1.70
N GLY A 371 4.96 28.63 1.67
CA GLY A 371 4.26 28.62 0.39
C GLY A 371 4.58 27.45 -0.53
N ASP A 372 5.19 26.39 0.01
CA ASP A 372 5.46 25.18 -0.77
C ASP A 372 4.18 24.40 -0.99
N LYS A 373 4.17 23.57 -2.04
CA LYS A 373 3.17 22.55 -2.23
C LYS A 373 3.77 21.19 -1.89
N VAL A 374 2.90 20.20 -1.69
CA VAL A 374 3.31 18.89 -1.18
C VAL A 374 2.71 17.78 -2.03
N HIS A 375 3.55 16.81 -2.38
CA HIS A 375 3.11 15.50 -2.85
C HIS A 375 3.30 14.51 -1.70
N ILE A 376 2.29 13.66 -1.48
CA ILE A 376 2.39 12.50 -0.58
C ILE A 376 2.34 11.22 -1.40
N ILE A 377 3.28 10.31 -1.14
CA ILE A 377 3.27 8.97 -1.73
C ILE A 377 3.28 7.94 -0.61
N GLY A 378 2.60 6.83 -0.84
CA GLY A 378 2.58 5.74 0.11
C GLY A 378 2.01 4.52 -0.56
N HIS A 379 2.01 3.43 0.19
CA HIS A 379 1.58 2.16 -0.35
C HIS A 379 0.11 1.89 -0.07
N ILE A 380 -0.22 1.45 1.15
CA ILE A 380 -1.62 1.21 1.49
C ILE A 380 -2.41 2.52 1.42
N PRO A 381 -3.53 2.60 0.70
CA PRO A 381 -4.29 3.87 0.64
C PRO A 381 -4.93 4.22 1.97
N PRO A 382 -5.11 5.51 2.27
CA PRO A 382 -5.57 5.93 3.61
C PRO A 382 -6.93 5.35 4.02
N GLY A 383 -7.85 5.17 3.06
CA GLY A 383 -9.16 4.60 3.35
C GLY A 383 -9.13 3.16 3.85
N HIS A 384 -8.01 2.44 3.64
CA HIS A 384 -7.88 1.05 4.07
C HIS A 384 -7.16 0.90 5.41
N CYS A 385 -6.73 2.00 6.05
CA CYS A 385 -6.03 1.97 7.33
C CYS A 385 -6.96 1.66 8.50
N LEU A 386 -6.33 1.38 9.65
CA LEU A 386 -7.02 1.36 10.94
C LEU A 386 -7.82 2.65 11.13
N LYS A 387 -8.88 2.55 11.92
CA LYS A 387 -9.83 3.64 12.03
C LYS A 387 -9.18 4.93 12.53
N SER A 388 -8.53 4.87 13.70
CA SER A 388 -7.95 6.08 14.29
C SER A 388 -6.93 6.72 13.37
N TRP A 389 -5.99 5.93 12.86
CA TRP A 389 -5.02 6.49 11.92
C TRP A 389 -5.73 7.13 10.73
N SER A 390 -6.70 6.43 10.14
CA SER A 390 -7.36 6.96 8.95
C SER A 390 -8.11 8.25 9.26
N TRP A 391 -8.74 8.33 10.43
CA TRP A 391 -9.48 9.55 10.79
C TRP A 391 -8.55 10.72 11.02
N ASN A 392 -7.36 10.48 11.62
CA ASN A 392 -6.39 11.56 11.81
C ASN A 392 -5.80 12.03 10.48
N TYR A 393 -5.49 11.09 9.57
CA TYR A 393 -5.00 11.47 8.26
C TYR A 393 -6.03 12.33 7.50
N TYR A 394 -7.29 11.92 7.51
CA TYR A 394 -8.36 12.72 6.90
C TYR A 394 -8.39 14.15 7.44
N ARG A 395 -8.23 14.29 8.76
CA ARG A 395 -8.23 15.61 9.39
C ARG A 395 -7.06 16.47 8.91
N ILE A 396 -5.88 15.84 8.79
CA ILE A 396 -4.68 16.49 8.30
C ILE A 396 -4.86 16.95 6.86
N VAL A 397 -5.44 16.10 6.02
CA VAL A 397 -5.64 16.46 4.61
C VAL A 397 -6.60 17.65 4.51
N ALA A 398 -7.73 17.60 5.23
CA ALA A 398 -8.66 18.75 5.20
C ALA A 398 -7.98 20.03 5.66
N ARG A 399 -7.19 19.96 6.74
CA ARG A 399 -6.53 21.15 7.26
C ARG A 399 -5.55 21.74 6.25
N TYR A 400 -4.80 20.89 5.53
CA TYR A 400 -3.75 21.36 4.64
C TYR A 400 -4.16 21.27 3.15
N GLU A 401 -5.47 21.31 2.87
CA GLU A 401 -5.97 21.15 1.51
C GLU A 401 -5.33 22.14 0.53
N ASN A 402 -4.97 23.36 0.97
CA ASN A 402 -4.35 24.31 0.02
C ASN A 402 -2.89 23.96 -0.28
N THR A 403 -2.21 23.31 0.68
CA THR A 403 -0.79 22.98 0.57
C THR A 403 -0.56 21.62 -0.09
N LEU A 404 -1.39 20.64 0.23
CA LEU A 404 -1.32 19.34 -0.42
C LEU A 404 -1.74 19.47 -1.87
N ALA A 405 -0.85 19.12 -2.79
CA ALA A 405 -1.23 19.23 -4.19
C ALA A 405 -1.56 17.89 -4.83
N ALA A 406 -1.00 16.79 -4.30
CA ALA A 406 -1.27 15.49 -4.90
C ALA A 406 -0.95 14.37 -3.92
N GLN A 407 -1.66 13.26 -4.09
CA GLN A 407 -1.54 12.09 -3.26
C GLN A 407 -1.56 10.84 -4.12
N PHE A 408 -0.63 9.92 -3.86
CA PHE A 408 -0.42 8.75 -4.72
C PHE A 408 -0.22 7.50 -3.87
N PHE A 409 -1.01 6.45 -4.14
CA PHE A 409 -0.93 5.23 -3.35
C PHE A 409 -1.02 4.04 -4.29
N GLY A 410 -0.85 2.85 -3.73
CA GLY A 410 -0.92 1.62 -4.50
C GLY A 410 -1.67 0.55 -3.72
N HIS A 411 -1.05 -0.63 -3.64
CA HIS A 411 -1.47 -1.72 -2.75
C HIS A 411 -2.71 -2.48 -3.22
N THR A 412 -3.77 -1.82 -3.74
CA THR A 412 -4.96 -2.61 -4.13
C THR A 412 -4.79 -3.29 -5.49
N HIS A 413 -3.82 -2.89 -6.29
CA HIS A 413 -3.47 -3.49 -7.58
C HIS A 413 -4.45 -3.12 -8.70
N VAL A 414 -5.58 -2.49 -8.39
CA VAL A 414 -6.55 -2.08 -9.40
C VAL A 414 -6.46 -0.55 -9.56
N ASP A 415 -7.09 -0.02 -10.61
CA ASP A 415 -6.96 1.39 -10.99
C ASP A 415 -8.16 2.16 -10.42
N GLU A 416 -7.97 2.95 -9.36
CA GLU A 416 -9.13 3.60 -8.69
C GLU A 416 -8.67 4.87 -8.00
N PHE A 417 -9.46 5.37 -7.04
CA PHE A 417 -9.10 6.64 -6.41
C PHE A 417 -9.92 6.80 -5.14
N GLU A 418 -9.53 7.78 -4.32
CA GLU A 418 -10.25 8.10 -3.09
C GLU A 418 -10.44 9.61 -3.01
N VAL A 419 -11.69 10.06 -2.92
CA VAL A 419 -11.98 11.49 -2.80
C VAL A 419 -12.04 11.86 -1.32
N PHE A 420 -11.43 13.00 -0.96
CA PHE A 420 -11.51 13.57 0.38
C PHE A 420 -12.44 14.78 0.42
N TYR A 421 -13.18 14.91 1.53
CA TYR A 421 -14.12 16.01 1.75
C TYR A 421 -13.76 16.82 3.00
N ASP A 422 -14.36 18.01 3.10
CA ASP A 422 -14.23 18.83 4.30
C ASP A 422 -14.82 18.10 5.53
N GLU A 423 -14.21 18.32 6.69
CA GLU A 423 -14.68 17.69 7.93
C GLU A 423 -16.03 18.23 8.40
N GLU A 424 -16.30 19.53 8.20
CA GLU A 424 -17.53 20.15 8.70
C GLU A 424 -18.79 19.53 8.09
N THR A 425 -18.80 19.27 6.78
CA THR A 425 -20.03 18.79 6.14
C THR A 425 -19.86 17.55 5.27
N LEU A 426 -18.64 17.03 5.09
CA LEU A 426 -18.43 15.86 4.22
C LEU A 426 -19.10 16.06 2.85
N SER A 427 -19.01 17.28 2.32
CA SER A 427 -19.63 17.42 1.02
C SER A 427 -18.90 18.29 0.04
N ARG A 428 -17.88 19.03 0.47
CA ARG A 428 -17.02 19.77 -0.46
C ARG A 428 -15.77 18.96 -0.78
N PRO A 429 -15.59 18.48 -2.02
CA PRO A 429 -14.40 17.67 -2.35
C PRO A 429 -13.17 18.57 -2.31
N LEU A 430 -12.13 18.15 -1.59
CA LEU A 430 -10.95 19.02 -1.45
C LEU A 430 -9.61 18.34 -1.73
N ALA A 431 -9.59 17.03 -1.97
CA ALA A 431 -8.34 16.35 -2.33
C ALA A 431 -8.73 15.03 -2.99
N VAL A 432 -7.76 14.44 -3.68
CA VAL A 432 -8.01 13.13 -4.28
C VAL A 432 -6.72 12.33 -4.28
N ALA A 433 -6.81 11.09 -3.82
CA ALA A 433 -5.69 10.15 -3.85
C ALA A 433 -5.84 9.25 -5.07
N PHE A 434 -4.80 9.19 -5.92
CA PHE A 434 -4.79 8.27 -7.05
C PHE A 434 -4.20 6.92 -6.62
N LEU A 435 -4.97 5.83 -6.80
CA LEU A 435 -4.50 4.48 -6.47
C LEU A 435 -4.19 3.82 -7.80
N ALA A 436 -2.88 3.74 -8.13
CA ALA A 436 -2.45 3.23 -9.42
C ALA A 436 -2.47 1.70 -9.43
N PRO A 437 -2.70 1.10 -10.58
CA PRO A 437 -2.76 -0.37 -10.64
C PRO A 437 -1.36 -0.99 -10.65
N SER A 438 -1.33 -2.32 -10.47
CA SER A 438 -0.05 -2.97 -10.17
C SER A 438 0.71 -3.40 -11.42
N ALA A 439 2.04 -3.40 -11.33
CA ALA A 439 2.77 -4.06 -12.39
C ALA A 439 2.50 -5.55 -12.40
N THR A 440 2.26 -6.16 -11.23
CA THR A 440 2.03 -7.60 -11.21
C THR A 440 0.67 -7.96 -11.77
N THR A 441 0.56 -9.23 -12.20
CA THR A 441 -0.71 -9.82 -12.62
C THR A 441 -1.63 -10.12 -11.45
N TYR A 442 -1.07 -10.33 -10.25
CA TYR A 442 -1.81 -10.82 -9.10
C TYR A 442 -3.00 -9.93 -8.73
N ILE A 443 -4.25 -10.39 -8.80
CA ILE A 443 -4.74 -11.69 -9.30
C ILE A 443 -5.53 -11.51 -10.60
N GLY A 444 -5.17 -12.21 -11.68
CA GLY A 444 -5.98 -12.21 -12.90
C GLY A 444 -5.85 -11.01 -13.83
N LEU A 445 -4.87 -10.13 -13.65
CA LEU A 445 -4.80 -8.86 -14.37
C LEU A 445 -3.68 -8.82 -15.40
N ASN A 446 -3.83 -7.95 -16.39
CA ASN A 446 -2.67 -7.55 -17.18
C ASN A 446 -1.66 -6.83 -16.28
N PRO A 447 -0.38 -6.94 -16.56
CA PRO A 447 0.60 -6.04 -15.92
C PRO A 447 0.38 -4.60 -16.37
N GLY A 448 0.62 -3.65 -15.45
CA GLY A 448 0.51 -2.25 -15.82
C GLY A 448 1.39 -1.30 -15.05
N TYR A 449 1.46 -0.06 -15.54
CA TYR A 449 2.08 1.05 -14.83
C TYR A 449 1.47 2.36 -15.32
N ARG A 450 1.94 3.46 -14.75
CA ARG A 450 1.22 4.73 -14.72
C ARG A 450 2.19 5.89 -14.97
N VAL A 451 1.72 6.91 -15.68
CA VAL A 451 2.46 8.16 -15.89
C VAL A 451 1.51 9.32 -15.58
N TYR A 452 2.00 10.30 -14.82
CA TYR A 452 1.27 11.52 -14.49
C TYR A 452 1.89 12.71 -15.22
N GLN A 453 1.03 13.59 -15.74
CA GLN A 453 1.44 14.96 -16.08
C GLN A 453 1.04 15.89 -14.94
N ILE A 454 2.00 16.66 -14.45
CA ILE A 454 1.81 17.46 -13.25
C ILE A 454 2.20 18.90 -13.57
N ASP A 455 1.40 19.84 -13.09
CA ASP A 455 1.77 21.24 -13.19
C ASP A 455 3.22 21.43 -12.69
N GLY A 456 4.06 21.98 -13.54
CA GLY A 456 5.49 21.76 -13.48
C GLY A 456 6.33 22.62 -12.55
N ASN A 457 7.57 22.75 -12.94
CA ASN A 457 8.63 23.32 -12.14
C ASN A 457 8.79 24.80 -12.51
N TYR A 458 8.17 25.68 -11.75
CA TYR A 458 8.28 27.12 -11.93
C TYR A 458 7.62 27.73 -10.69
N SER A 459 7.95 28.98 -10.44
CA SER A 459 7.46 29.69 -9.27
C SER A 459 5.95 29.92 -9.40
N GLY A 460 5.19 29.66 -8.33
CA GLY A 460 3.76 29.80 -8.34
C GLY A 460 2.98 28.63 -8.92
N SER A 461 3.66 27.61 -9.43
CA SER A 461 3.02 26.39 -9.90
C SER A 461 2.11 25.79 -8.84
N SER A 462 1.00 25.18 -9.28
CA SER A 462 0.14 24.45 -8.34
C SER A 462 0.66 23.07 -8.02
N HIS A 463 1.50 22.50 -8.89
CA HIS A 463 2.05 21.15 -8.69
C HIS A 463 0.97 20.06 -8.57
N VAL A 464 -0.26 20.29 -9.12
CA VAL A 464 -1.30 19.27 -9.07
C VAL A 464 -1.20 18.40 -10.31
N VAL A 465 -1.74 17.18 -10.20
CA VAL A 465 -1.85 16.31 -11.36
C VAL A 465 -2.76 16.97 -12.39
N LEU A 466 -2.33 16.95 -13.65
CA LEU A 466 -3.14 17.49 -14.75
C LEU A 466 -3.83 16.41 -15.57
N ASP A 467 -3.27 15.21 -15.67
CA ASP A 467 -3.83 14.15 -16.48
C ASP A 467 -3.04 12.91 -16.10
N HIS A 468 -3.53 11.74 -16.48
CA HIS A 468 -2.65 10.60 -16.29
C HIS A 468 -2.93 9.55 -17.38
N GLU A 469 -1.96 8.66 -17.55
CA GLU A 469 -2.01 7.60 -18.53
C GLU A 469 -1.62 6.28 -17.92
N THR A 470 -2.10 5.20 -18.51
CA THR A 470 -1.84 3.87 -18.01
C THR A 470 -1.46 2.96 -19.16
N TYR A 471 -0.39 2.20 -18.96
CA TYR A 471 0.18 1.28 -19.93
C TYR A 471 0.05 -0.13 -19.40
N ILE A 472 -0.22 -1.07 -20.30
CA ILE A 472 -0.39 -2.47 -19.91
C ILE A 472 0.35 -3.34 -20.91
N LEU A 473 0.64 -4.57 -20.47
CA LEU A 473 1.05 -5.63 -21.37
C LEU A 473 -0.11 -6.59 -21.51
N ASN A 474 -0.61 -6.75 -22.73
CA ASN A 474 -1.68 -7.69 -23.05
C ASN A 474 -1.11 -9.11 -23.14
N LEU A 475 -1.22 -9.88 -22.04
CA LEU A 475 -0.59 -11.21 -22.01
C LEU A 475 -1.18 -12.13 -23.07
N THR A 476 -2.47 -11.99 -23.37
CA THR A 476 -3.08 -12.78 -24.44
C THR A 476 -2.27 -12.72 -25.72
N GLN A 477 -1.75 -11.54 -26.08
CA GLN A 477 -0.86 -11.50 -27.24
C GLN A 477 0.62 -11.58 -26.88
N ALA A 478 1.05 -11.13 -25.70
CA ALA A 478 2.48 -11.26 -25.41
C ALA A 478 2.93 -12.72 -25.29
N ASN A 479 2.05 -13.60 -24.80
CA ASN A 479 2.39 -14.99 -24.52
C ASN A 479 2.28 -15.89 -25.76
N ILE A 480 2.02 -15.32 -26.93
CA ILE A 480 2.15 -16.08 -28.19
C ILE A 480 3.60 -16.53 -28.34
N PRO A 481 3.86 -17.81 -28.59
CA PRO A 481 5.25 -18.28 -28.66
C PRO A 481 6.07 -17.50 -29.66
N GLY A 482 7.22 -17.00 -29.21
CA GLY A 482 8.10 -16.21 -30.05
C GLY A 482 7.72 -14.75 -30.23
N ALA A 483 6.67 -14.26 -29.58
CA ALA A 483 6.36 -12.84 -29.63
C ALA A 483 7.31 -12.07 -28.73
N ILE A 484 7.48 -10.80 -29.04
CA ILE A 484 8.29 -9.91 -28.20
C ILE A 484 7.36 -8.89 -27.59
N PRO A 485 7.41 -8.69 -26.26
CA PRO A 485 6.32 -7.95 -25.59
C PRO A 485 6.30 -6.49 -25.99
N HIS A 486 5.09 -5.98 -26.18
CA HIS A 486 4.89 -4.59 -26.53
C HIS A 486 3.95 -3.99 -25.50
N TRP A 487 4.46 -3.02 -24.76
CA TRP A 487 3.65 -2.33 -23.77
C TRP A 487 2.85 -1.24 -24.48
N GLN A 488 1.53 -1.24 -24.28
CA GLN A 488 0.63 -0.38 -25.02
C GLN A 488 -0.01 0.63 -24.07
N LEU A 489 -0.25 1.82 -24.58
CA LEU A 489 -1.12 2.79 -23.91
C LEU A 489 -2.54 2.22 -23.82
N LEU A 490 -3.06 2.12 -22.60
CA LEU A 490 -4.44 1.64 -22.43
C LEU A 490 -5.42 2.81 -22.49
N TYR A 491 -5.18 3.88 -21.74
CA TYR A 491 -6.03 5.07 -21.82
C TYR A 491 -5.32 6.27 -21.19
N ARG A 492 -5.85 7.46 -21.50
CA ARG A 492 -5.53 8.68 -20.77
C ARG A 492 -6.80 9.20 -20.09
N ALA A 493 -6.66 9.69 -18.86
CA ALA A 493 -7.83 9.95 -18.01
C ALA A 493 -8.77 11.01 -18.60
N ARG A 494 -8.25 12.21 -18.93
CA ARG A 494 -9.15 13.30 -19.32
C ARG A 494 -9.91 12.96 -20.58
N GLU A 495 -9.28 12.25 -21.49
CA GLU A 495 -9.91 11.93 -22.74
C GLU A 495 -10.97 10.83 -22.59
N THR A 496 -10.72 9.79 -21.79
CA THR A 496 -11.75 8.76 -21.80
C THR A 496 -12.93 9.14 -20.91
N TYR A 497 -12.72 9.92 -19.87
CA TYR A 497 -13.85 10.35 -19.05
C TYR A 497 -14.36 11.77 -19.38
N GLY A 498 -13.86 12.40 -20.44
CA GLY A 498 -14.29 13.78 -20.72
C GLY A 498 -14.07 14.73 -19.56
N LEU A 499 -12.96 14.59 -18.85
CA LEU A 499 -12.73 15.47 -17.72
C LEU A 499 -12.14 16.81 -18.21
N PRO A 500 -12.59 17.95 -17.66
CA PRO A 500 -11.93 19.22 -18.00
C PRO A 500 -10.64 19.39 -17.22
N ASN A 501 -10.47 18.67 -16.12
CA ASN A 501 -9.20 18.65 -15.39
C ASN A 501 -9.25 17.40 -14.52
N THR A 502 -8.25 17.21 -13.65
CA THR A 502 -8.27 16.06 -12.76
C THR A 502 -8.22 16.55 -11.31
N LEU A 503 -8.86 17.70 -11.05
CA LEU A 503 -9.02 18.19 -9.67
C LEU A 503 -10.03 17.33 -8.90
N PRO A 504 -10.07 17.45 -7.55
CA PRO A 504 -10.99 16.60 -6.77
C PRO A 504 -12.45 16.62 -7.25
N THR A 505 -12.98 17.78 -7.67
CA THR A 505 -14.37 17.87 -8.09
C THR A 505 -14.66 17.02 -9.32
N ALA A 506 -13.67 16.83 -10.20
CA ALA A 506 -13.89 16.02 -11.41
C ALA A 506 -14.11 14.55 -11.06
N TRP A 507 -13.44 14.06 -10.01
CA TRP A 507 -13.57 12.67 -9.59
C TRP A 507 -14.85 12.44 -8.79
N HIS A 508 -15.20 13.41 -7.92
CA HIS A 508 -16.53 13.45 -7.31
C HIS A 508 -17.61 13.38 -8.38
N ASN A 509 -17.54 14.28 -9.38
CA ASN A 509 -18.52 14.28 -10.45
C ASN A 509 -18.53 12.94 -11.21
N LEU A 510 -17.35 12.33 -11.38
CA LEU A 510 -17.31 11.09 -12.18
C LEU A 510 -18.05 9.98 -11.46
N VAL A 511 -17.91 9.91 -10.15
CA VAL A 511 -18.61 8.89 -9.37
C VAL A 511 -20.12 9.03 -9.54
N TYR A 512 -20.65 10.26 -9.42
CA TYR A 512 -22.09 10.43 -9.60
C TYR A 512 -22.53 10.28 -11.07
N ARG A 513 -21.67 10.59 -12.04
CA ARG A 513 -22.03 10.20 -13.41
C ARG A 513 -22.11 8.69 -13.53
N MET A 514 -21.13 7.98 -12.96
CA MET A 514 -21.14 6.52 -13.10
C MET A 514 -22.29 5.90 -12.32
N ARG A 515 -22.79 6.57 -11.28
CA ARG A 515 -23.96 6.02 -10.61
C ARG A 515 -25.12 5.88 -11.57
N GLY A 516 -25.26 6.82 -12.50
CA GLY A 516 -26.43 6.82 -13.36
C GLY A 516 -26.16 6.44 -14.78
N ASP A 517 -24.98 5.94 -15.11
CA ASP A 517 -24.61 5.68 -16.49
C ASP A 517 -23.84 4.36 -16.50
N MET A 518 -24.53 3.27 -16.74
CA MET A 518 -23.91 1.96 -16.72
C MET A 518 -22.82 1.74 -17.73
N GLN A 519 -22.99 2.26 -18.90
CA GLN A 519 -21.92 2.14 -19.91
C GLN A 519 -20.64 2.81 -19.43
N LEU A 520 -20.74 4.02 -18.87
CA LEU A 520 -19.55 4.69 -18.34
C LEU A 520 -18.95 3.89 -17.18
N PHE A 521 -19.80 3.41 -16.26
CA PHE A 521 -19.26 2.58 -15.20
C PHE A 521 -18.54 1.34 -15.76
N GLN A 522 -19.08 0.73 -16.83
CA GLN A 522 -18.41 -0.45 -17.41
C GLN A 522 -17.05 -0.08 -17.98
N THR A 523 -16.91 1.12 -18.54
CA THR A 523 -15.58 1.57 -18.97
C THR A 523 -14.64 1.64 -17.78
N PHE A 524 -15.09 2.29 -16.71
CA PHE A 524 -14.31 2.36 -15.47
C PHE A 524 -13.95 0.96 -14.94
N TRP A 525 -14.93 0.04 -14.95
CA TRP A 525 -14.69 -1.32 -14.47
C TRP A 525 -13.68 -2.06 -15.34
N PHE A 526 -13.77 -1.88 -16.66
CA PHE A 526 -12.78 -2.44 -17.59
C PHE A 526 -11.38 -1.93 -17.26
N LEU A 527 -11.23 -0.62 -17.08
CA LEU A 527 -9.92 -0.04 -16.82
C LEU A 527 -9.47 -0.38 -15.41
N TYR A 528 -10.42 -0.46 -14.48
CA TYR A 528 -10.12 -0.85 -13.11
C TYR A 528 -9.27 -2.11 -13.09
N HIS A 529 -9.56 -3.04 -14.00
CA HIS A 529 -8.85 -4.31 -14.09
C HIS A 529 -7.77 -4.28 -15.17
N LYS A 530 -7.30 -3.09 -15.56
CA LYS A 530 -6.20 -2.98 -16.51
C LYS A 530 -6.54 -3.67 -17.82
N GLY A 531 -7.80 -3.56 -18.23
CA GLY A 531 -8.25 -4.12 -19.47
C GLY A 531 -8.61 -5.60 -19.45
N HIS A 532 -8.61 -6.27 -18.30
CA HIS A 532 -8.94 -7.69 -18.23
C HIS A 532 -9.93 -7.92 -17.11
N PRO A 533 -11.15 -7.40 -17.24
CA PRO A 533 -12.15 -7.56 -16.18
C PRO A 533 -12.64 -8.99 -16.08
N PRO A 534 -13.17 -9.39 -14.92
CA PRO A 534 -13.72 -10.74 -14.76
C PRO A 534 -14.94 -10.92 -15.66
N SER A 535 -15.26 -12.19 -15.91
CA SER A 535 -16.37 -12.52 -16.81
C SER A 535 -17.73 -12.41 -16.11
N GLU A 536 -17.79 -12.66 -14.80
CA GLU A 536 -19.02 -12.43 -14.04
C GLU A 536 -19.42 -10.96 -14.09
N PRO A 537 -20.63 -10.62 -14.56
CA PRO A 537 -21.02 -9.20 -14.63
C PRO A 537 -21.04 -8.51 -13.28
N CYS A 538 -20.52 -7.28 -13.25
CA CYS A 538 -20.63 -6.41 -12.07
C CYS A 538 -21.98 -5.72 -12.18
N GLY A 539 -22.97 -6.22 -11.43
CA GLY A 539 -24.32 -5.68 -11.41
C GLY A 539 -24.50 -4.60 -10.36
N THR A 540 -25.75 -4.43 -9.93
CA THR A 540 -26.10 -3.21 -9.18
C THR A 540 -25.41 -3.13 -7.84
N PRO A 541 -25.44 -4.17 -6.98
CA PRO A 541 -24.71 -4.05 -5.71
C PRO A 541 -23.20 -3.95 -5.87
N CYS A 542 -22.60 -4.71 -6.80
CA CYS A 542 -21.16 -4.59 -7.06
C CYS A 542 -20.79 -3.17 -7.46
N ARG A 543 -21.59 -2.57 -8.32
CA ARG A 543 -21.36 -1.20 -8.74
C ARG A 543 -21.43 -0.23 -7.58
N LEU A 544 -22.48 -0.33 -6.80
CA LEU A 544 -22.63 0.59 -5.67
C LEU A 544 -21.47 0.43 -4.70
N ALA A 545 -21.08 -0.82 -4.40
CA ALA A 545 -19.95 -1.04 -3.52
C ALA A 545 -18.66 -0.47 -4.11
N THR A 546 -18.46 -0.61 -5.43
CA THR A 546 -17.25 -0.07 -6.06
C THR A 546 -17.26 1.45 -6.03
N LEU A 547 -18.40 2.06 -6.33
CA LEU A 547 -18.51 3.53 -6.26
C LEU A 547 -18.33 4.03 -4.83
N CYS A 548 -18.90 3.33 -3.86
CA CYS A 548 -18.71 3.74 -2.47
C CYS A 548 -17.22 3.79 -2.09
N ALA A 549 -16.45 2.77 -2.51
CA ALA A 549 -15.01 2.77 -2.21
C ALA A 549 -14.33 4.01 -2.77
N GLN A 550 -14.77 4.53 -3.92
CA GLN A 550 -14.13 5.73 -4.46
C GLN A 550 -14.33 6.98 -3.57
N LEU A 551 -15.39 7.04 -2.77
CA LEU A 551 -15.65 8.17 -1.89
C LEU A 551 -15.16 7.92 -0.47
N SER A 552 -14.56 6.77 -0.20
CA SER A 552 -14.27 6.38 1.17
C SER A 552 -12.78 6.56 1.45
N ALA A 553 -12.36 7.81 1.55
CA ALA A 553 -10.95 8.06 1.86
C ALA A 553 -10.68 7.92 3.35
N ARG A 554 -11.73 7.84 4.16
CA ARG A 554 -11.64 7.61 5.60
C ARG A 554 -12.31 6.27 5.95
N ALA A 555 -11.61 5.41 6.69
CA ALA A 555 -12.17 4.11 7.02
C ALA A 555 -13.36 4.24 7.99
N ASP A 556 -14.20 3.20 8.01
CA ASP A 556 -15.33 3.09 8.94
C ASP A 556 -16.15 4.38 9.01
N SER A 557 -16.44 4.98 7.86
CA SER A 557 -17.26 6.20 7.78
C SER A 557 -18.37 5.99 6.76
N PRO A 558 -19.39 5.20 7.09
CA PRO A 558 -20.45 4.92 6.10
C PRO A 558 -21.23 6.17 5.65
N ALA A 559 -21.26 7.26 6.44
CA ALA A 559 -21.89 8.49 5.98
C ALA A 559 -21.32 9.01 4.65
N LEU A 560 -20.06 8.69 4.33
CA LEU A 560 -19.49 9.16 3.05
C LEU A 560 -20.25 8.62 1.84
N CYS A 561 -20.94 7.50 1.99
CA CYS A 561 -21.68 6.87 0.91
C CYS A 561 -23.17 7.12 1.03
N ARG A 562 -23.59 8.09 1.86
CA ARG A 562 -25.02 8.30 2.11
C ARG A 562 -25.77 8.66 0.83
N HIS A 563 -25.11 9.27 -0.16
CA HIS A 563 -25.78 9.60 -1.42
C HIS A 563 -25.72 8.50 -2.46
N LEU A 564 -25.08 7.36 -2.16
CA LEU A 564 -25.10 6.22 -3.07
C LEU A 564 -26.12 5.17 -2.65
N MET A 565 -26.26 4.89 -1.36
CA MET A 565 -27.19 3.87 -0.92
C MET A 565 -28.36 4.48 -0.18
C1 NAG B . 17.69 -12.16 14.01
C2 NAG B . 18.54 -13.43 14.01
C3 NAG B . 18.29 -14.23 12.74
C4 NAG B . 16.81 -14.52 12.57
C5 NAG B . 15.98 -13.24 12.67
C6 NAG B . 14.50 -13.50 12.76
C7 NAG B . 20.58 -12.88 15.32
C8 NAG B . 22.04 -12.51 15.24
N2 NAG B . 19.96 -13.09 14.14
O3 NAG B . 19.01 -15.47 12.78
O4 NAG B . 16.58 -15.12 11.30
O5 NAG B . 16.32 -12.52 13.87
O6 NAG B . 14.13 -14.83 12.40
O7 NAG B . 19.99 -12.99 16.40
C1 NAG B . 16.71 -16.50 10.86
C2 NAG B . 16.11 -16.83 9.52
C3 NAG B . 16.24 -18.33 9.25
C4 NAG B . 17.71 -18.73 9.32
C5 NAG B . 18.30 -18.32 10.67
C6 NAG B . 19.79 -18.56 10.77
C7 NAG B . 14.28 -15.53 8.54
C8 NAG B . 12.81 -15.22 8.58
N2 NAG B . 14.72 -16.42 9.43
O3 NAG B . 15.70 -18.66 7.97
O4 NAG B . 17.86 -20.14 9.10
O5 NAG B . 18.09 -16.91 10.91
O6 NAG B . 20.36 -18.83 9.49
O7 NAG B . 15.04 -15.00 7.71
C1 NAG C . 1.58 4.22 23.13
C2 NAG C . 1.45 4.40 24.66
C3 NAG C . 0.99 5.81 24.98
C4 NAG C . 1.92 6.82 24.33
C5 NAG C . 2.07 6.55 22.84
C6 NAG C . 3.07 7.44 22.15
C7 NAG C . 0.94 2.38 25.93
C8 NAG C . -0.15 1.47 26.45
N2 NAG C . 0.52 3.43 25.22
O3 NAG C . 0.97 5.95 26.40
O4 NAG C . 1.36 8.12 24.48
O5 NAG C . 2.50 5.20 22.61
O6 NAG C . 3.75 6.73 21.12
O7 NAG C . 2.13 2.17 26.14
C1 NAG C . 2.19 8.90 25.34
C2 NAG C . 1.76 10.33 25.02
C3 NAG C . 2.50 11.31 25.93
C4 NAG C . 2.37 10.91 27.40
C5 NAG C . 2.69 9.43 27.61
C6 NAG C . 2.35 8.95 29.00
C7 NAG C . 1.05 10.69 22.69
C8 NAG C . 1.51 11.05 21.30
N2 NAG C . 2.01 10.66 23.62
O3 NAG C . 1.94 12.61 25.74
O4 NAG C . 3.28 11.69 28.17
O5 NAG C . 1.94 8.61 26.71
O6 NAG C . 1.06 9.39 29.43
O7 NAG C . -0.12 10.43 22.94
C1 BMA C . 2.54 12.70 28.87
C2 BMA C . 3.13 12.79 30.27
C3 BMA C . 2.65 14.01 31.04
C4 BMA C . 2.45 15.25 30.18
C5 BMA C . 1.94 14.92 28.79
C6 BMA C . 1.98 16.14 27.87
O2 BMA C . 4.56 12.85 30.20
O3 BMA C . 3.66 14.30 32.00
O4 BMA C . 1.50 16.09 30.84
O5 BMA C . 2.78 13.94 28.24
O6 BMA C . 3.01 16.04 26.88
C1 MAN D . 2.51 17.04 25.72
C2 MAN D . 1.51 16.54 24.69
C3 MAN D . 2.21 15.63 23.68
C4 MAN D . 3.50 16.25 23.16
C5 MAN D . 4.35 16.99 24.18
C6 MAN D . 5.30 17.96 23.49
O2 MAN D . 0.97 17.73 24.10
O3 MAN D . 1.47 15.23 22.51
O4 MAN D . 4.27 15.17 22.68
O5 MAN D . 3.56 17.75 25.07
O6 MAN D . 6.10 17.34 22.47
C1 BMA D . 0.14 15.03 22.79
C2 BMA D . -0.59 15.21 21.47
C3 BMA D . -2.07 15.33 21.78
C4 BMA D . -2.50 14.18 22.66
C5 BMA D . -1.58 14.03 23.85
C6 BMA D . -1.96 12.86 24.73
O2 BMA D . -0.39 14.12 20.58
O3 BMA D . -2.81 15.31 20.57
O4 BMA D . -3.82 14.44 23.11
O5 BMA D . -0.28 13.82 23.36
O6 BMA D . -0.95 12.68 25.73
C1 NAG E . -12.62 -5.51 49.96
C2 NAG E . -12.02 -4.23 50.50
C3 NAG E . -13.11 -3.37 51.13
C4 NAG E . -14.22 -3.11 50.13
C5 NAG E . -14.74 -4.43 49.58
C6 NAG E . -15.76 -4.25 48.49
C7 NAG E . -9.74 -4.09 51.39
C8 NAG E . -8.83 -4.45 52.53
N2 NAG E . -10.99 -4.52 51.49
O3 NAG E . -12.53 -2.14 51.56
O4 NAG E . -15.30 -2.41 50.76
O5 NAG E . -13.66 -5.19 49.01
O6 NAG E . -15.55 -3.02 47.79
O7 NAG E . -9.34 -3.43 50.42
C1 NAG F . -10.37 11.72 19.45
C2 NAG F . -10.84 11.26 20.85
C3 NAG F . -12.19 10.54 20.78
C4 NAG F . -13.21 11.38 20.00
C5 NAG F . -12.63 11.78 18.63
C6 NAG F . -13.55 12.67 17.82
C7 NAG F . -8.87 10.83 22.31
C8 NAG F . -7.94 9.79 22.84
N2 NAG F . -9.84 10.40 21.47
O3 NAG F . -12.68 10.29 22.09
O4 NAG F . -14.43 10.66 19.84
O5 NAG F . -11.40 12.50 18.82
O6 NAG F . -13.44 12.36 16.44
O7 NAG F . -8.76 12.02 22.62
C1 BMA G . 18.43 -20.92 7.79
C2 BMA G . 19.15 -22.15 8.37
C3 BMA G . 20.08 -22.78 7.30
C4 BMA G . 19.38 -22.97 5.88
C5 BMA G . 18.43 -21.78 5.47
C6 BMA G . 17.45 -22.18 4.34
O2 BMA G . 18.21 -23.17 8.74
O3 BMA G . 20.68 -24.03 7.76
O4 BMA G . 20.35 -23.16 4.83
O5 BMA G . 17.66 -21.27 6.63
O6 BMA G . 17.03 -21.04 3.61
C1 NAG H . 13.57 23.27 -11.88
C2 NAG H . 14.88 22.63 -12.34
C3 NAG H . 16.08 23.21 -11.56
C4 NAG H . 16.05 24.73 -11.63
C5 NAG H . 14.70 25.24 -11.14
C6 NAG H . 14.57 26.74 -11.16
C7 NAG H . 14.40 20.39 -13.25
C8 NAG H . 14.44 18.91 -13.01
N2 NAG H . 14.85 21.17 -12.24
O3 NAG H . 17.28 22.75 -12.14
O4 NAG H . 17.11 25.28 -10.86
O5 NAG H . 13.67 24.72 -11.98
O6 NAG H . 14.32 27.21 -12.48
O7 NAG H . 13.95 20.87 -14.30
C1 NAG I . 18.14 26.27 -11.66
C2 NAG I . 19.63 26.29 -12.04
C3 NAG I . 20.50 26.93 -10.93
C4 NAG I . 19.84 28.19 -10.34
C5 NAG I . 18.38 27.92 -10.05
C6 NAG I . 17.61 29.09 -9.49
C7 NAG I . 21.30 24.53 -12.64
C8 NAG I . 21.49 23.05 -12.85
N2 NAG I . 20.06 24.91 -12.29
O3 NAG I . 21.76 27.28 -11.48
O4 NAG I . 20.51 28.57 -9.14
O5 NAG I . 17.74 27.55 -11.27
O6 NAG I . 16.62 28.63 -8.59
O7 NAG I . 22.21 25.33 -12.79
C1 NAG J . -5.74 -8.05 -25.71
C2 NAG J . -6.90 -7.15 -26.13
C3 NAG J . -8.08 -7.98 -26.58
C4 NAG J . -7.66 -8.87 -27.74
C5 NAG J . -6.54 -9.78 -27.25
C6 NAG J . -5.98 -10.70 -28.32
C7 NAG J . -6.67 -5.13 -24.78
C8 NAG J . -7.19 -4.34 -23.61
N2 NAG J . -7.30 -6.27 -25.03
O3 NAG J . -9.11 -7.08 -26.99
O4 NAG J . -8.76 -9.60 -28.27
O5 NAG J . -5.43 -8.97 -26.80
O6 NAG J . -6.20 -10.22 -29.63
O7 NAG J . -5.70 -4.75 -25.43
C1 NAG K . -9.66 -9.47 -29.63
C2 NAG K . -10.71 -10.58 -29.73
C3 NAG K . -11.40 -10.54 -31.10
C4 NAG K . -11.94 -9.14 -31.40
C5 NAG K . -10.83 -8.10 -31.21
C6 NAG K . -11.35 -6.68 -31.34
C7 NAG K . -10.28 -12.58 -28.38
C8 NAG K . -9.58 -13.89 -28.29
N2 NAG K . -10.09 -11.88 -29.51
O3 NAG K . -12.49 -11.46 -31.11
O4 NAG K . -12.48 -9.08 -32.70
O5 NAG K . -10.27 -8.21 -29.89
O6 NAG K . -12.18 -6.36 -30.23
O7 NAG K . -11.00 -12.16 -27.47
ZN ZN L . 0.57 -4.18 -0.85
ZN ZN M . 0.84 -5.50 -3.87
S SO4 N . -6.17 -3.92 2.75
O1 SO4 N . -5.01 -3.70 3.63
O2 SO4 N . -6.10 -5.25 2.13
O3 SO4 N . -7.41 -3.82 3.53
O4 SO4 N . -6.30 -2.94 1.68
S SO4 O . 6.14 -24.95 31.71
O1 SO4 O . 7.35 -25.08 30.92
O2 SO4 O . 6.30 -25.65 32.97
O3 SO4 O . 5.92 -23.51 31.98
O4 SO4 O . 4.99 -25.55 30.99
S SO4 P . 9.40 -25.41 7.49
O1 SO4 P . 10.62 -25.38 6.71
O2 SO4 P . 9.52 -26.39 8.59
O3 SO4 P . 9.20 -24.12 8.13
O4 SO4 P . 8.26 -25.81 6.64
S SO4 Q . -3.74 33.59 -7.93
O1 SO4 Q . -2.74 32.53 -8.09
O2 SO4 Q . -3.59 34.33 -6.68
O3 SO4 Q . -5.06 32.93 -7.98
O4 SO4 Q . -3.61 34.56 -9.02
S SO4 R . 12.29 -5.00 22.70
O1 SO4 R . 13.59 -4.98 22.04
O2 SO4 R . 11.87 -6.40 22.88
O3 SO4 R . 12.35 -4.30 23.98
O4 SO4 R . 11.29 -4.31 21.91
S SO4 S . -12.08 4.64 22.72
O1 SO4 S . -10.76 4.11 22.41
O2 SO4 S . -12.53 4.04 23.97
O3 SO4 S . -12.02 6.09 22.89
O4 SO4 S . -13.00 4.29 21.64
S SO4 T . -23.46 -8.24 -8.40
O1 SO4 T . -22.43 -8.59 -9.38
O2 SO4 T . -22.91 -8.52 -7.08
O3 SO4 T . -23.80 -6.82 -8.49
O4 SO4 T . -24.73 -8.95 -8.66
S SO4 U . -14.70 -14.81 -13.29
O1 SO4 U . -15.46 -15.98 -13.73
O2 SO4 U . -13.61 -15.23 -12.40
O3 SO4 U . -15.68 -13.90 -12.65
O4 SO4 U . -14.03 -14.21 -14.44
S SO4 V . -6.47 -8.52 -6.55
O1 SO4 V . -5.51 -9.22 -7.38
O2 SO4 V . -5.68 -7.73 -5.61
O3 SO4 V . -7.28 -9.49 -5.80
O4 SO4 V . -7.32 -7.77 -7.49
S SO4 W . -27.29 3.34 -19.21
O1 SO4 W . -25.90 3.32 -19.70
O2 SO4 W . -27.34 3.50 -17.75
O3 SO4 W . -27.97 2.09 -19.58
O4 SO4 W . -28.02 4.45 -19.83
S SO4 X . -29.10 8.61 -11.47
O1 SO4 X . -27.86 8.49 -10.70
O2 SO4 X . -29.68 7.28 -11.71
O3 SO4 X . -30.06 9.48 -10.77
O4 SO4 X . -28.79 9.20 -12.77
#